data_4C5A
#
_entry.id   4C5A
#
_cell.length_a   53.790
_cell.length_b   97.510
_cell.length_c   109.990
_cell.angle_alpha   90.00
_cell.angle_beta   90.00
_cell.angle_gamma   90.00
#
_symmetry.space_group_name_H-M   'P 21 21 21'
#
loop_
_entity.id
_entity.type
_entity.pdbx_description
1 polymer 'D-ALANINE--D-ALANINE LIGASE'
2 polymer PEPTIDE
3 non-polymer "ADENOSINE-5'-DIPHOSPHATE"
4 non-polymer '[(4R)-4-azanyl-4,5-dihydro-1,2-oxazol-3-yl] dihydrogen phosphate'
5 non-polymer 'MAGNESIUM ION'
6 non-polymer GLYCEROL
7 water water
#
loop_
_entity_poly.entity_id
_entity_poly.type
_entity_poly.pdbx_seq_one_letter_code
_entity_poly.pdbx_strand_id
1 'polypeptide(L)'
;MSYYHHHHHHDYIPTTENLYFNGAMTDKIAVLLGGTSAEREVSLNSGAAVLAGLREGGIDAYPVDPKEVDVTQLKSMGFQ
KVFIALHGRGGEDGTLQGMLELMGLPYTGSGVMASALSMDKLRSKLLWQGAGLPVAPWVALTRAEFEKGLSDKQLAEISA
LGLPVIVKPSREGSSVGMSKVVAENALQDALRLAFQHDEEVLIEKWLSGPEFTVAILGEEILPSIRIQPSGTFYDYEAKY
LSDETQYFCPAGLEASQEANLQALVLKAWTTLGCKGWGRIDVMLDSDGQFYLLEANTSPGMTSHSLVPMAARQAGMSFSQ
LVVRILELAD
;
A,B
2 'polypeptide(L)' ENLYFQGA C
#
# COMPACT_ATOMS: atom_id res chain seq x y z
N MET A 25 -5.12 -27.20 -25.17
CA MET A 25 -4.32 -25.98 -25.43
C MET A 25 -5.00 -24.79 -24.74
N THR A 26 -5.78 -25.13 -23.69
CA THR A 26 -6.39 -24.13 -22.83
C THR A 26 -5.35 -23.60 -21.84
N ASP A 27 -5.78 -22.68 -20.97
CA ASP A 27 -4.85 -21.98 -20.07
C ASP A 27 -4.08 -22.94 -19.15
N LYS A 28 -2.78 -22.71 -19.06
CA LYS A 28 -1.94 -23.40 -18.09
C LYS A 28 -1.82 -22.48 -16.85
N ILE A 29 -2.14 -23.01 -15.67
CA ILE A 29 -2.21 -22.22 -14.43
C ILE A 29 -1.05 -22.65 -13.52
N ALA A 30 -0.34 -21.67 -12.98
CA ALA A 30 0.68 -21.94 -11.99
C ALA A 30 0.05 -21.72 -10.61
N VAL A 31 0.17 -22.71 -9.75
CA VAL A 31 -0.19 -22.55 -8.34
C VAL A 31 1.09 -22.26 -7.60
N LEU A 32 1.27 -21.02 -7.14
CA LEU A 32 2.53 -20.71 -6.42
C LEU A 32 2.33 -21.06 -4.97
N LEU A 33 3.26 -21.82 -4.44
CA LEU A 33 3.17 -22.36 -3.08
C LEU A 33 4.55 -22.51 -2.45
N GLY A 34 4.60 -22.52 -1.14
CA GLY A 34 5.89 -22.73 -0.41
C GLY A 34 6.57 -21.39 -0.16
N GLY A 35 7.52 -21.05 -0.99
CA GLY A 35 8.25 -19.79 -0.84
C GLY A 35 9.18 -19.81 0.36
N THR A 36 9.58 -18.63 0.83
CA THR A 36 10.65 -18.57 1.84
C THR A 36 10.24 -17.86 3.12
N SER A 37 8.95 -17.56 3.27
CA SER A 37 8.47 -16.91 4.52
C SER A 37 8.34 -17.87 5.68
N ALA A 38 8.13 -17.29 6.86
CA ALA A 38 7.86 -18.07 8.06
C ALA A 38 6.63 -18.96 7.94
N GLU A 39 5.83 -18.70 6.92
CA GLU A 39 4.59 -19.46 6.69
C GLU A 39 4.74 -20.46 5.57
N ARG A 40 6.00 -20.76 5.17
CA ARG A 40 6.27 -21.73 4.11
C ARG A 40 5.52 -23.05 4.28
N GLU A 41 5.54 -23.64 5.49
CA GLU A 41 4.90 -24.95 5.69
C GLU A 41 3.39 -24.89 5.53
N VAL A 42 2.80 -23.79 5.97
CA VAL A 42 1.35 -23.60 5.80
C VAL A 42 1.07 -23.48 4.31
N SER A 43 1.89 -22.69 3.61
CA SER A 43 1.68 -22.49 2.17
C SER A 43 1.83 -23.79 1.35
N LEU A 44 2.81 -24.63 1.71
CA LEU A 44 2.92 -25.93 1.04
C LEU A 44 1.58 -26.66 1.15
N ASN A 45 0.98 -26.62 2.34
CA ASN A 45 -0.31 -27.29 2.55
C ASN A 45 -1.44 -26.61 1.81
N SER A 46 -1.46 -25.28 1.81
CA SER A 46 -2.49 -24.55 1.01
C SER A 46 -2.38 -24.94 -0.47
N GLY A 47 -1.18 -24.86 -1.03
CA GLY A 47 -0.98 -25.14 -2.45
C GLY A 47 -1.30 -26.58 -2.85
N ALA A 48 -0.99 -27.51 -1.96
CA ALA A 48 -1.30 -28.92 -2.19
C ALA A 48 -2.82 -29.09 -2.41
N ALA A 49 -3.60 -28.44 -1.55
CA ALA A 49 -5.06 -28.58 -1.63
C ALA A 49 -5.61 -27.81 -2.83
N VAL A 50 -5.08 -26.60 -3.06
CA VAL A 50 -5.51 -25.80 -4.21
C VAL A 50 -5.20 -26.53 -5.52
N LEU A 51 -4.01 -27.15 -5.64
CA LEU A 51 -3.64 -27.85 -6.86
C LEU A 51 -4.69 -28.93 -7.18
N ALA A 52 -4.97 -29.77 -6.20
CA ALA A 52 -5.93 -30.86 -6.45
C ALA A 52 -7.34 -30.34 -6.72
N GLY A 53 -7.71 -29.27 -6.03
CA GLY A 53 -9.02 -28.66 -6.17
C GLY A 53 -9.23 -28.07 -7.57
N LEU A 54 -8.21 -27.41 -8.10
CA LEU A 54 -8.30 -26.84 -9.45
C LEU A 54 -8.39 -27.95 -10.49
N ARG A 55 -7.61 -29.01 -10.32
CA ARG A 55 -7.65 -30.11 -11.31
C ARG A 55 -9.01 -30.81 -11.28
N GLU A 56 -9.59 -30.92 -10.09
CA GLU A 56 -10.95 -31.48 -9.93
C GLU A 56 -11.97 -30.64 -10.71
N GLY A 57 -11.72 -29.33 -10.80
CA GLY A 57 -12.58 -28.40 -11.55
C GLY A 57 -12.24 -28.31 -13.03
N GLY A 58 -11.38 -29.18 -13.52
CA GLY A 58 -11.01 -29.19 -14.95
C GLY A 58 -9.95 -28.17 -15.38
N ILE A 59 -9.27 -27.57 -14.42
CA ILE A 59 -8.24 -26.57 -14.69
C ILE A 59 -6.87 -27.22 -14.77
N ASP A 60 -6.10 -26.83 -15.78
CA ASP A 60 -4.79 -27.41 -16.05
C ASP A 60 -3.75 -26.64 -15.23
N ALA A 61 -3.70 -27.01 -13.95
CA ALA A 61 -2.84 -26.36 -12.93
C ALA A 61 -1.61 -27.17 -12.55
N TYR A 62 -0.51 -26.49 -12.20
CA TYR A 62 0.77 -27.13 -11.84
C TYR A 62 1.38 -26.37 -10.67
N PRO A 63 2.00 -27.10 -9.71
CA PRO A 63 2.64 -26.41 -8.57
C PRO A 63 3.99 -25.81 -8.98
N VAL A 64 4.25 -24.59 -8.53
CA VAL A 64 5.54 -23.90 -8.70
C VAL A 64 5.97 -23.28 -7.37
N ASP A 65 7.10 -23.70 -6.82
CA ASP A 65 7.57 -23.14 -5.56
C ASP A 65 8.64 -22.12 -5.84
N PRO A 66 8.42 -20.82 -5.51
CA PRO A 66 9.45 -19.76 -5.75
C PRO A 66 10.78 -19.99 -5.03
N LYS A 67 10.81 -20.87 -4.02
CA LYS A 67 12.06 -21.17 -3.35
C LYS A 67 12.96 -21.96 -4.30
N GLU A 68 12.35 -22.69 -5.22
CA GLU A 68 13.07 -23.66 -6.06
C GLU A 68 13.09 -23.22 -7.53
N VAL A 69 12.16 -22.39 -7.92
CA VAL A 69 11.97 -21.95 -9.31
C VAL A 69 11.97 -20.44 -9.35
N ASP A 70 12.67 -19.86 -10.33
CA ASP A 70 12.73 -18.43 -10.53
C ASP A 70 11.41 -17.93 -11.13
N VAL A 71 10.59 -17.27 -10.31
CA VAL A 71 9.24 -16.93 -10.77
C VAL A 71 9.25 -15.86 -11.86
N THR A 72 10.39 -15.17 -12.03
CA THR A 72 10.49 -14.24 -13.16
C THR A 72 10.38 -15.00 -14.48
N GLN A 73 10.48 -16.33 -14.42
CA GLN A 73 10.40 -17.15 -15.61
C GLN A 73 9.02 -17.71 -15.92
N LEU A 74 7.98 -17.32 -15.18
CA LEU A 74 6.70 -18.00 -15.38
C LEU A 74 6.15 -17.89 -16.80
N LYS A 75 6.28 -16.70 -17.39
CA LYS A 75 5.72 -16.49 -18.73
C LYS A 75 6.46 -17.34 -19.74
N SER A 76 7.79 -17.37 -19.64
CA SER A 76 8.64 -18.19 -20.50
C SER A 76 8.42 -19.68 -20.30
N MET A 77 7.89 -20.04 -19.13
CA MET A 77 7.54 -21.44 -18.85
C MET A 77 6.20 -21.88 -19.41
N GLY A 78 5.43 -20.94 -19.93
CA GLY A 78 4.20 -21.28 -20.67
C GLY A 78 2.92 -21.08 -19.88
N PHE A 79 3.04 -20.48 -18.68
CA PHE A 79 1.85 -20.20 -17.86
C PHE A 79 1.13 -18.98 -18.34
N GLN A 80 -0.19 -19.04 -18.24
CA GLN A 80 -1.11 -17.98 -18.60
C GLN A 80 -1.75 -17.22 -17.44
N LYS A 81 -1.89 -17.88 -16.27
CA LYS A 81 -2.55 -17.25 -15.13
C LYS A 81 -1.94 -17.89 -13.89
N VAL A 82 -2.05 -17.19 -12.78
CA VAL A 82 -1.39 -17.59 -11.53
C VAL A 82 -2.39 -17.58 -10.39
N PHE A 83 -2.47 -18.71 -9.68
CA PHE A 83 -3.16 -18.79 -8.43
C PHE A 83 -2.10 -18.64 -7.34
N ILE A 84 -2.22 -17.56 -6.56
CA ILE A 84 -1.29 -17.33 -5.48
C ILE A 84 -1.77 -18.05 -4.20
N ALA A 85 -1.00 -19.04 -3.76
CA ALA A 85 -1.28 -19.77 -2.51
C ALA A 85 -0.10 -19.63 -1.56
N LEU A 86 0.61 -18.50 -1.72
CA LEU A 86 1.71 -18.11 -0.84
C LEU A 86 1.18 -17.29 0.33
N HIS A 87 1.89 -17.34 1.45
CA HIS A 87 1.47 -16.56 2.61
C HIS A 87 2.69 -15.81 3.13
N GLY A 88 2.49 -14.54 3.41
CA GLY A 88 3.59 -13.76 4.00
C GLY A 88 4.34 -12.94 2.95
N ARG A 89 5.34 -12.23 3.44
CA ARG A 89 6.15 -11.37 2.57
C ARG A 89 6.81 -12.23 1.46
N GLY A 90 6.93 -11.67 0.27
CA GLY A 90 7.41 -12.46 -0.88
C GLY A 90 6.29 -13.02 -1.75
N GLY A 91 5.08 -13.08 -1.21
CA GLY A 91 3.95 -13.65 -1.98
C GLY A 91 2.68 -12.86 -1.78
N GLU A 92 2.53 -12.27 -0.59
CA GLU A 92 1.29 -11.63 -0.21
C GLU A 92 1.41 -10.11 -0.05
N ASP A 93 2.60 -9.54 -0.25
CA ASP A 93 2.84 -8.16 0.18
C ASP A 93 2.98 -7.18 -0.99
N GLY A 94 2.49 -7.60 -2.16
CA GLY A 94 2.53 -6.73 -3.36
C GLY A 94 3.77 -6.88 -4.25
N THR A 95 4.81 -7.51 -3.71
CA THR A 95 6.07 -7.64 -4.48
C THR A 95 5.83 -8.56 -5.67
N LEU A 96 5.32 -9.74 -5.39
CA LEU A 96 4.95 -10.71 -6.44
C LEU A 96 3.90 -10.16 -7.39
N GLN A 97 2.89 -9.48 -6.83
CA GLN A 97 1.83 -8.90 -7.66
C GLN A 97 2.41 -7.90 -8.65
N GLY A 98 3.34 -7.08 -8.17
CA GLY A 98 4.07 -6.12 -9.02
C GLY A 98 4.74 -6.80 -10.20
N MET A 99 5.53 -7.83 -9.91
CA MET A 99 6.18 -8.61 -10.92
C MET A 99 5.18 -9.19 -11.94
N LEU A 100 4.09 -9.79 -11.46
CA LEU A 100 3.12 -10.42 -12.35
C LEU A 100 2.45 -9.37 -13.24
N GLU A 101 2.18 -8.19 -12.67
CA GLU A 101 1.57 -7.10 -13.47
C GLU A 101 2.48 -6.73 -14.64
N LEU A 102 3.77 -6.58 -14.39
CA LEU A 102 4.70 -6.24 -15.49
C LEU A 102 4.94 -7.37 -16.50
N MET A 103 4.83 -8.61 -16.02
CA MET A 103 4.89 -9.78 -16.85
C MET A 103 3.61 -9.93 -17.70
N GLY A 104 2.56 -9.23 -17.29
CA GLY A 104 1.24 -9.32 -17.93
C GLY A 104 0.46 -10.60 -17.66
N LEU A 105 0.74 -11.25 -16.53
CA LEU A 105 0.00 -12.48 -16.16
C LEU A 105 -1.12 -12.16 -15.15
N PRO A 106 -2.38 -12.54 -15.45
CA PRO A 106 -3.46 -12.36 -14.49
C PRO A 106 -3.17 -13.24 -13.26
N TYR A 107 -3.61 -12.78 -12.11
CA TYR A 107 -3.33 -13.50 -10.85
C TYR A 107 -4.51 -13.32 -9.90
N THR A 108 -4.63 -14.23 -8.94
CA THR A 108 -5.72 -14.20 -8.03
C THR A 108 -5.48 -13.17 -6.91
N GLY A 109 -6.57 -12.70 -6.29
CA GLY A 109 -6.48 -11.84 -5.08
C GLY A 109 -6.21 -10.39 -5.38
N SER A 110 -5.87 -9.68 -4.32
CA SER A 110 -5.67 -8.23 -4.37
C SER A 110 -4.45 -7.79 -5.20
N GLY A 111 -4.54 -6.54 -5.67
CA GLY A 111 -3.45 -5.97 -6.42
C GLY A 111 -2.33 -5.48 -5.53
N VAL A 112 -1.41 -4.73 -6.14
CA VAL A 112 -0.14 -4.36 -5.52
C VAL A 112 -0.38 -3.55 -4.24
N MET A 113 -1.12 -2.45 -4.36
CA MET A 113 -1.31 -1.61 -3.19
C MET A 113 -2.03 -2.27 -2.03
N ALA A 114 -3.15 -2.91 -2.33
CA ALA A 114 -3.96 -3.50 -1.25
C ALA A 114 -3.24 -4.68 -0.60
N SER A 115 -2.52 -5.43 -1.40
CA SER A 115 -1.65 -6.51 -0.85
C SER A 115 -0.58 -5.97 0.09
N ALA A 116 0.15 -4.95 -0.36
CA ALA A 116 1.15 -4.29 0.47
C ALA A 116 0.55 -3.69 1.75
N LEU A 117 -0.60 -3.04 1.64
CA LEU A 117 -1.25 -2.46 2.82
C LEU A 117 -1.75 -3.51 3.80
N SER A 118 -2.32 -4.60 3.29
CA SER A 118 -2.90 -5.61 4.17
C SER A 118 -1.83 -6.37 4.93
N MET A 119 -0.66 -6.47 4.32
CA MET A 119 0.49 -7.06 5.00
C MET A 119 0.97 -6.19 6.15
N ASP A 120 0.88 -4.89 5.99
CA ASP A 120 1.38 -3.96 7.01
C ASP A 120 0.30 -3.64 8.06
N LYS A 121 0.31 -4.33 9.20
CA LYS A 121 -0.75 -4.11 10.18
C LYS A 121 -0.74 -2.67 10.72
N LEU A 122 0.46 -2.09 10.86
CA LEU A 122 0.55 -0.71 11.36
C LEU A 122 -0.20 0.23 10.41
N ARG A 123 0.03 0.11 9.10
CA ARG A 123 -0.60 1.05 8.18
C ARG A 123 -2.05 0.71 7.88
N SER A 124 -2.42 -0.59 7.92
CA SER A 124 -3.85 -0.98 7.92
C SER A 124 -4.60 -0.28 9.06
N LYS A 125 -4.03 -0.33 10.27
CA LYS A 125 -4.66 0.31 11.41
C LYS A 125 -4.84 1.83 11.23
N LEU A 126 -3.79 2.48 10.73
CA LEU A 126 -3.85 3.93 10.47
C LEU A 126 -4.92 4.27 9.45
N LEU A 127 -4.96 3.51 8.37
CA LEU A 127 -5.96 3.75 7.33
C LEU A 127 -7.35 3.53 7.93
N TRP A 128 -7.52 2.42 8.64
CA TRP A 128 -8.84 2.15 9.20
C TRP A 128 -9.30 3.23 10.21
N GLN A 129 -8.36 3.68 11.05
CA GLN A 129 -8.66 4.72 11.99
C GLN A 129 -8.99 6.03 11.26
N GLY A 130 -8.24 6.32 10.19
CA GLY A 130 -8.55 7.50 9.34
C GLY A 130 -9.95 7.45 8.76
N ALA A 131 -10.42 6.25 8.43
CA ALA A 131 -11.76 6.01 7.92
C ALA A 131 -12.86 5.90 8.99
N GLY A 132 -12.49 6.08 10.25
CA GLY A 132 -13.45 5.98 11.37
C GLY A 132 -13.93 4.57 11.71
N LEU A 133 -13.09 3.59 11.40
CA LEU A 133 -13.39 2.21 11.70
C LEU A 133 -12.74 1.81 13.01
N PRO A 134 -13.35 0.84 13.72
CA PRO A 134 -12.87 0.48 15.06
C PRO A 134 -11.65 -0.40 15.08
N VAL A 135 -10.61 0.03 15.80
CA VAL A 135 -9.37 -0.72 15.97
C VAL A 135 -8.97 -0.69 17.43
N ALA A 136 -8.29 -1.74 17.94
CA ALA A 136 -7.79 -1.73 19.33
C ALA A 136 -6.78 -0.60 19.55
N PRO A 137 -6.86 0.10 20.71
CA PRO A 137 -5.79 1.03 21.03
C PRO A 137 -4.44 0.37 20.96
N TRP A 138 -3.46 1.12 20.48
CA TRP A 138 -2.16 0.53 20.28
C TRP A 138 -1.02 1.53 20.37
N VAL A 139 0.19 0.99 20.45
CA VAL A 139 1.41 1.77 20.31
C VAL A 139 2.31 1.07 19.28
N ALA A 140 2.88 1.82 18.36
CA ALA A 140 3.82 1.22 17.39
C ALA A 140 5.24 1.60 17.76
N LEU A 141 6.19 0.67 17.53
CA LEU A 141 7.61 0.91 17.79
C LEU A 141 8.45 0.46 16.61
N THR A 142 9.43 1.28 16.26
CA THR A 142 10.44 0.83 15.29
C THR A 142 11.59 0.17 16.06
N ARG A 143 12.38 -0.63 15.34
CA ARG A 143 13.55 -1.28 15.97
C ARG A 143 14.53 -0.25 16.54
N ALA A 144 14.76 0.80 15.77
CA ALA A 144 15.62 1.93 16.22
C ALA A 144 15.14 2.54 17.53
N GLU A 145 13.82 2.70 17.66
CA GLU A 145 13.26 3.27 18.91
C GLU A 145 13.48 2.35 20.08
N PHE A 146 13.27 1.06 19.85
CA PHE A 146 13.45 0.06 20.89
C PHE A 146 14.90 0.01 21.34
N GLU A 147 15.83 0.14 20.39
CA GLU A 147 17.27 0.08 20.71
C GLU A 147 17.78 1.35 21.38
N LYS A 148 17.23 2.50 20.99
CA LYS A 148 17.57 3.78 21.61
C LYS A 148 17.16 3.77 23.07
N GLY A 149 16.16 2.94 23.39
CA GLY A 149 15.55 2.94 24.70
C GLY A 149 14.25 3.70 24.65
N LEU A 150 13.23 3.15 25.30
CA LEU A 150 11.89 3.73 25.31
C LEU A 150 11.86 5.02 26.12
N SER A 151 11.25 6.05 25.55
CA SER A 151 11.10 7.33 26.25
C SER A 151 10.05 7.23 27.36
N ASP A 152 10.00 8.27 28.20
CA ASP A 152 8.98 8.34 29.25
C ASP A 152 7.58 8.57 28.70
N LYS A 153 7.48 9.25 27.55
CA LYS A 153 6.21 9.42 26.84
C LYS A 153 5.72 8.08 26.28
N GLN A 154 6.68 7.24 25.88
CA GLN A 154 6.39 5.94 25.30
C GLN A 154 5.94 4.95 26.34
N LEU A 155 6.65 4.93 27.47
CA LEU A 155 6.30 4.06 28.58
C LEU A 155 4.91 4.45 29.12
N ALA A 156 4.63 5.76 29.13
CA ALA A 156 3.31 6.26 29.51
C ALA A 156 2.19 5.77 28.59
N GLU A 157 2.37 5.91 27.28
CA GLU A 157 1.38 5.47 26.29
C GLU A 157 1.16 3.96 26.41
N ILE A 158 2.26 3.23 26.56
CA ILE A 158 2.17 1.78 26.74
C ILE A 158 1.42 1.43 28.02
N SER A 159 1.73 2.14 29.10
CA SER A 159 1.08 1.90 30.37
C SER A 159 -0.44 2.14 30.29
N ALA A 160 -0.85 3.19 29.60
CA ALA A 160 -2.27 3.49 29.33
C ALA A 160 -3.09 2.40 28.65
N LEU A 161 -2.42 1.46 27.95
CA LEU A 161 -3.14 0.35 27.33
C LEU A 161 -3.65 -0.64 28.36
N GLY A 162 -3.05 -0.60 29.55
CA GLY A 162 -3.32 -1.57 30.59
C GLY A 162 -2.59 -2.89 30.33
N LEU A 163 -2.85 -3.87 31.17
CA LEU A 163 -2.34 -5.23 30.99
C LEU A 163 -3.51 -6.20 31.17
N PRO A 164 -3.51 -7.31 30.42
CA PRO A 164 -2.47 -7.70 29.46
C PRO A 164 -2.45 -6.90 28.16
N VAL A 165 -1.36 -7.04 27.41
CA VAL A 165 -1.32 -6.57 26.01
C VAL A 165 -0.90 -7.72 25.12
N ILE A 166 -1.12 -7.57 23.82
CA ILE A 166 -0.56 -8.51 22.85
C ILE A 166 0.48 -7.76 22.05
N VAL A 167 1.54 -8.45 21.68
CA VAL A 167 2.63 -7.86 20.90
C VAL A 167 2.73 -8.61 19.59
N LYS A 168 2.80 -7.89 18.48
CA LYS A 168 2.93 -8.56 17.18
C LYS A 168 3.93 -7.84 16.26
N PRO A 169 4.61 -8.60 15.39
CA PRO A 169 5.29 -7.94 14.27
C PRO A 169 4.25 -7.23 13.40
N SER A 170 4.63 -6.17 12.72
CA SER A 170 3.64 -5.54 11.81
C SER A 170 3.30 -6.41 10.60
N ARG A 171 4.30 -7.12 10.07
CA ARG A 171 4.20 -7.80 8.76
C ARG A 171 4.28 -9.31 8.72
N GLU A 172 3.75 -9.98 9.72
CA GLU A 172 3.75 -11.44 9.74
C GLU A 172 2.33 -11.98 9.56
N GLY A 173 2.22 -13.29 9.73
CA GLY A 173 0.93 -13.99 9.67
C GLY A 173 1.06 -15.27 10.48
N SER A 174 -0.06 -15.99 10.61
CA SER A 174 -0.03 -17.28 11.33
C SER A 174 0.40 -17.15 12.78
N SER A 175 0.24 -15.95 13.35
CA SER A 175 0.61 -15.65 14.75
C SER A 175 2.12 -15.75 15.00
N VAL A 176 2.90 -15.75 13.92
CA VAL A 176 4.37 -15.77 14.04
C VAL A 176 4.88 -14.52 14.75
N GLY A 177 5.76 -14.72 15.76
CA GLY A 177 6.35 -13.59 16.48
C GLY A 177 5.50 -12.94 17.54
N MET A 178 4.31 -13.48 17.77
CA MET A 178 3.33 -12.85 18.66
C MET A 178 3.33 -13.47 20.02
N SER A 179 3.02 -12.64 21.03
CA SER A 179 2.90 -13.20 22.35
C SER A 179 2.04 -12.33 23.24
N LYS A 180 1.59 -12.90 24.36
CA LYS A 180 0.78 -12.15 25.31
C LYS A 180 1.63 -11.71 26.51
N VAL A 181 1.52 -10.44 26.88
CA VAL A 181 2.30 -9.92 28.03
C VAL A 181 1.36 -9.75 29.18
N VAL A 182 1.73 -10.39 30.30
CA VAL A 182 0.91 -10.40 31.50
C VAL A 182 1.58 -9.66 32.67
N ALA A 183 2.85 -9.28 32.53
CA ALA A 183 3.56 -8.56 33.59
C ALA A 183 4.42 -7.50 32.90
N GLU A 184 4.46 -6.30 33.47
CA GLU A 184 5.22 -5.17 32.91
C GLU A 184 6.66 -5.55 32.58
N ASN A 185 7.29 -6.36 33.44
CA ASN A 185 8.69 -6.65 33.27
C ASN A 185 9.00 -7.60 32.13
N ALA A 186 7.97 -8.17 31.52
CA ALA A 186 8.18 -9.12 30.44
C ALA A 186 7.79 -8.51 29.09
N LEU A 187 7.40 -7.23 29.08
CA LEU A 187 7.16 -6.56 27.79
C LEU A 187 8.41 -6.63 26.90
N GLN A 188 9.58 -6.38 27.51
CA GLN A 188 10.82 -6.43 26.74
C GLN A 188 11.05 -7.77 26.05
N ASP A 189 10.68 -8.87 26.70
CA ASP A 189 10.87 -10.18 26.11
C ASP A 189 9.95 -10.38 24.90
N ALA A 190 8.70 -9.92 25.03
CA ALA A 190 7.74 -9.97 23.90
C ALA A 190 8.23 -9.08 22.76
N LEU A 191 8.72 -7.89 23.08
CA LEU A 191 9.28 -7.03 22.00
C LEU A 191 10.50 -7.67 21.31
N ARG A 192 11.43 -8.30 22.08
CA ARG A 192 12.55 -8.91 21.45
C ARG A 192 12.12 -10.02 20.49
N LEU A 193 11.10 -10.78 20.88
CA LEU A 193 10.63 -11.83 20.00
C LEU A 193 10.07 -11.21 18.70
N ALA A 194 9.18 -10.23 18.83
CA ALA A 194 8.56 -9.64 17.62
C ALA A 194 9.61 -8.99 16.72
N PHE A 195 10.64 -8.41 17.33
CA PHE A 195 11.68 -7.78 16.51
C PHE A 195 12.61 -8.78 15.81
N GLN A 196 12.49 -10.06 16.14
CA GLN A 196 13.19 -11.09 15.35
C GLN A 196 12.53 -11.28 13.98
N HIS A 197 11.33 -10.73 13.82
CA HIS A 197 10.50 -10.96 12.64
C HIS A 197 10.19 -9.71 11.80
N ASP A 198 10.39 -8.54 12.38
CA ASP A 198 10.12 -7.29 11.65
C ASP A 198 10.87 -6.13 12.30
N GLU A 199 10.95 -5.02 11.58
CA GLU A 199 11.58 -3.80 12.03
C GLU A 199 10.57 -2.85 12.63
N GLU A 200 9.29 -3.22 12.59
CA GLU A 200 8.21 -2.42 13.19
C GLU A 200 7.29 -3.39 13.92
N VAL A 201 6.89 -3.03 15.13
CA VAL A 201 6.08 -3.90 15.97
C VAL A 201 4.94 -3.09 16.55
N LEU A 202 3.86 -3.81 16.86
CA LEU A 202 2.66 -3.23 17.52
C LEU A 202 2.44 -3.84 18.89
N ILE A 203 2.08 -2.98 19.87
CA ILE A 203 1.62 -3.41 21.19
C ILE A 203 0.17 -2.96 21.24
N GLU A 204 -0.74 -3.90 21.46
CA GLU A 204 -2.18 -3.64 21.38
C GLU A 204 -2.86 -3.98 22.67
N LYS A 205 -3.82 -3.16 23.07
CA LYS A 205 -4.74 -3.53 24.14
C LYS A 205 -5.28 -4.94 23.96
N TRP A 206 -5.30 -5.73 25.04
CA TRP A 206 -5.91 -7.05 24.97
C TRP A 206 -7.43 -6.98 24.83
N LEU A 207 -7.95 -7.64 23.81
CA LEU A 207 -9.38 -7.73 23.57
C LEU A 207 -9.95 -9.01 24.19
N SER A 208 -11.10 -8.88 24.86
CA SER A 208 -11.70 -10.01 25.57
C SER A 208 -12.17 -11.13 24.66
N GLY A 209 -12.53 -10.78 23.43
CA GLY A 209 -13.18 -11.75 22.53
C GLY A 209 -14.66 -11.77 22.85
N PRO A 210 -15.43 -12.67 22.21
CA PRO A 210 -14.96 -13.75 21.34
C PRO A 210 -14.37 -13.26 20.04
N GLU A 211 -13.73 -14.21 19.33
CA GLU A 211 -13.01 -13.93 18.14
C GLU A 211 -13.77 -14.46 16.93
N PHE A 212 -13.74 -13.70 15.84
CA PHE A 212 -14.39 -14.10 14.59
C PHE A 212 -13.45 -13.93 13.41
N THR A 213 -13.77 -14.60 12.30
CA THR A 213 -13.14 -14.27 11.03
C THR A 213 -14.21 -14.29 9.93
N VAL A 214 -14.08 -13.43 8.93
CA VAL A 214 -15.08 -13.28 7.89
C VAL A 214 -14.38 -13.32 6.53
N ALA A 215 -14.74 -14.31 5.73
CA ALA A 215 -14.20 -14.42 4.38
C ALA A 215 -15.00 -13.60 3.38
N ILE A 216 -14.30 -13.11 2.39
CA ILE A 216 -14.89 -12.35 1.27
C ILE A 216 -14.58 -13.08 -0.06
N LEU A 217 -15.58 -13.24 -0.93
CA LEU A 217 -15.34 -13.89 -2.23
C LEU A 217 -16.05 -13.05 -3.28
N GLY A 218 -15.28 -12.36 -4.11
CA GLY A 218 -15.85 -11.39 -5.07
C GLY A 218 -16.65 -10.34 -4.32
N GLU A 219 -17.92 -10.21 -4.67
CA GLU A 219 -18.78 -9.23 -3.98
C GLU A 219 -19.65 -9.81 -2.86
N GLU A 220 -19.35 -11.05 -2.49
CA GLU A 220 -20.09 -11.78 -1.46
C GLU A 220 -19.30 -11.83 -0.15
N ILE A 221 -20.00 -11.55 0.93
CA ILE A 221 -19.44 -11.76 2.27
C ILE A 221 -19.96 -13.14 2.72
N LEU A 222 -19.04 -14.04 3.08
CA LEU A 222 -19.38 -15.40 3.46
C LEU A 222 -19.72 -15.47 4.95
N PRO A 223 -20.37 -16.58 5.39
CA PRO A 223 -20.78 -16.69 6.79
C PRO A 223 -19.60 -16.53 7.74
N SER A 224 -19.77 -15.71 8.77
CA SER A 224 -18.73 -15.55 9.75
C SER A 224 -18.43 -16.84 10.52
N ILE A 225 -17.25 -16.93 11.08
CA ILE A 225 -16.85 -18.11 11.85
C ILE A 225 -16.39 -17.58 13.21
N ARG A 226 -16.89 -18.23 14.28
CA ARG A 226 -16.41 -17.95 15.64
C ARG A 226 -15.29 -18.93 15.98
N ILE A 227 -14.18 -18.40 16.48
CA ILE A 227 -12.98 -19.19 16.74
C ILE A 227 -12.71 -19.23 18.24
N GLN A 228 -12.58 -20.46 18.75
CA GLN A 228 -12.34 -20.67 20.18
C GLN A 228 -11.09 -21.53 20.43
N PRO A 229 -9.94 -20.88 20.56
CA PRO A 229 -8.71 -21.58 20.94
C PRO A 229 -8.81 -22.22 22.32
N SER A 230 -8.07 -23.31 22.53
CA SER A 230 -8.08 -23.98 23.85
C SER A 230 -7.10 -23.29 24.81
N GLY A 231 -6.09 -22.62 24.25
CA GLY A 231 -5.12 -21.90 25.04
C GLY A 231 -5.35 -20.40 25.02
N THR A 232 -4.26 -19.66 25.10
CA THR A 232 -4.29 -18.25 25.39
C THR A 232 -4.83 -17.37 24.24
N PHE A 233 -4.37 -17.66 23.05
CA PHE A 233 -4.97 -16.97 21.92
C PHE A 233 -4.86 -17.89 20.73
N TYR A 234 -5.25 -17.40 19.54
CA TYR A 234 -5.24 -18.24 18.35
C TYR A 234 -3.82 -18.18 17.76
N ASP A 235 -2.95 -19.00 18.36
CA ASP A 235 -1.55 -18.98 18.03
C ASP A 235 -1.22 -20.04 16.98
N TYR A 236 0.06 -20.22 16.59
CA TYR A 236 0.36 -21.14 15.50
C TYR A 236 -0.13 -22.57 15.81
N GLU A 237 0.14 -23.02 17.04
CA GLU A 237 -0.34 -24.33 17.48
C GLU A 237 -1.85 -24.46 17.36
N ALA A 238 -2.60 -23.46 17.81
CA ALA A 238 -4.07 -23.53 17.72
C ALA A 238 -4.58 -23.52 16.28
N LYS A 239 -3.87 -22.78 15.43
CA LYS A 239 -4.28 -22.69 14.01
C LYS A 239 -4.01 -23.96 13.25
N TYR A 240 -2.90 -24.65 13.51
CA TYR A 240 -2.44 -25.68 12.54
C TYR A 240 -2.22 -27.05 13.13
N LEU A 241 -2.05 -27.14 14.44
CA LEU A 241 -1.61 -28.40 15.05
C LEU A 241 -2.54 -29.02 16.08
N SER A 242 -3.38 -28.23 16.70
CA SER A 242 -4.23 -28.70 17.82
C SER A 242 -5.55 -29.32 17.34
N ASP A 243 -5.99 -30.40 17.99
CA ASP A 243 -7.33 -30.89 17.71
C ASP A 243 -8.38 -30.33 18.70
N GLU A 244 -7.94 -29.39 19.54
CA GLU A 244 -8.78 -28.77 20.57
C GLU A 244 -9.35 -27.40 20.20
N THR A 245 -8.82 -26.77 19.16
CA THR A 245 -9.48 -25.55 18.69
C THR A 245 -10.89 -25.86 18.22
N GLN A 246 -11.85 -25.05 18.64
CA GLN A 246 -13.25 -25.19 18.26
C GLN A 246 -13.68 -24.08 17.32
N TYR A 247 -14.38 -24.43 16.25
CA TYR A 247 -14.93 -23.44 15.31
C TYR A 247 -16.44 -23.56 15.25
N PHE A 248 -17.10 -22.45 15.04
CA PHE A 248 -18.56 -22.43 14.86
C PHE A 248 -18.94 -21.62 13.64
N CYS A 249 -19.60 -22.27 12.68
CA CYS A 249 -20.07 -21.66 11.46
C CYS A 249 -21.39 -22.38 11.13
N PRO A 250 -22.51 -21.69 11.31
CA PRO A 250 -22.56 -20.28 11.61
C PRO A 250 -22.10 -19.91 13.05
N ALA A 251 -21.78 -18.64 13.22
CA ALA A 251 -21.03 -18.16 14.38
C ALA A 251 -21.88 -18.01 15.63
N GLY A 252 -23.19 -18.10 15.47
CA GLY A 252 -24.11 -18.03 16.60
C GLY A 252 -24.48 -16.63 17.02
N LEU A 253 -24.16 -15.64 16.17
CA LEU A 253 -24.57 -14.25 16.39
C LEU A 253 -26.07 -14.07 16.08
N GLU A 254 -26.72 -13.14 16.81
CA GLU A 254 -28.09 -12.77 16.47
C GLU A 254 -28.06 -12.13 15.08
N ALA A 255 -29.14 -12.27 14.31
CA ALA A 255 -29.16 -11.83 12.93
C ALA A 255 -28.62 -10.42 12.68
N SER A 256 -28.87 -9.50 13.61
CA SER A 256 -28.44 -8.12 13.39
C SER A 256 -26.97 -7.92 13.73
N GLN A 257 -26.48 -8.65 14.73
CA GLN A 257 -25.05 -8.69 15.10
C GLN A 257 -24.25 -9.22 13.91
N GLU A 258 -24.76 -10.27 13.27
CA GLU A 258 -24.12 -10.84 12.06
C GLU A 258 -24.09 -9.82 10.92
N ALA A 259 -25.20 -9.12 10.71
CA ALA A 259 -25.30 -8.08 9.68
C ALA A 259 -24.33 -6.93 9.95
N ASN A 260 -24.21 -6.51 11.21
CA ASN A 260 -23.27 -5.49 11.65
C ASN A 260 -21.81 -5.90 11.38
N LEU A 261 -21.49 -7.15 11.71
CA LEU A 261 -20.15 -7.70 11.49
C LEU A 261 -19.85 -7.68 10.01
N GLN A 262 -20.79 -8.13 9.17
CA GLN A 262 -20.55 -8.22 7.72
C GLN A 262 -20.36 -6.82 7.13
N ALA A 263 -21.12 -5.83 7.64
CA ALA A 263 -21.01 -4.46 7.16
C ALA A 263 -19.65 -3.83 7.52
N LEU A 264 -19.18 -4.11 8.73
CA LEU A 264 -17.87 -3.63 9.20
C LEU A 264 -16.79 -4.21 8.30
N VAL A 265 -16.86 -5.50 8.09
CA VAL A 265 -15.84 -6.20 7.28
C VAL A 265 -15.83 -5.66 5.84
N LEU A 266 -17.00 -5.49 5.23
CA LEU A 266 -17.04 -4.92 3.87
C LEU A 266 -16.38 -3.52 3.81
N LYS A 267 -16.68 -2.66 4.79
CA LYS A 267 -16.08 -1.33 4.80
C LYS A 267 -14.55 -1.42 5.00
N ALA A 268 -14.09 -2.36 5.82
CA ALA A 268 -12.66 -2.49 6.04
C ALA A 268 -11.96 -3.00 4.75
N TRP A 269 -12.63 -3.91 4.02
CA TRP A 269 -12.11 -4.50 2.79
C TRP A 269 -12.01 -3.40 1.72
N THR A 270 -13.07 -2.59 1.63
CA THR A 270 -13.14 -1.57 0.58
C THR A 270 -12.18 -0.42 0.87
N THR A 271 -12.01 -0.10 2.15
CA THR A 271 -11.06 0.94 2.57
C THR A 271 -9.64 0.60 2.17
N LEU A 272 -9.26 -0.68 2.33
CA LEU A 272 -7.92 -1.10 1.92
C LEU A 272 -7.77 -1.22 0.40
N GLY A 273 -8.87 -1.34 -0.33
CA GLY A 273 -8.81 -1.46 -1.79
C GLY A 273 -8.61 -2.89 -2.26
N CYS A 274 -8.91 -3.83 -1.39
CA CYS A 274 -8.78 -5.25 -1.70
C CYS A 274 -9.74 -5.75 -2.79
N LYS A 275 -9.33 -6.83 -3.44
CA LYS A 275 -10.20 -7.48 -4.39
C LYS A 275 -10.02 -8.97 -4.51
N GLY A 276 -11.00 -9.59 -5.16
CA GLY A 276 -10.92 -11.02 -5.43
C GLY A 276 -11.43 -11.83 -4.27
N TRP A 277 -10.59 -11.98 -3.23
CA TRP A 277 -11.05 -12.76 -2.08
C TRP A 277 -10.11 -12.48 -0.93
N GLY A 278 -10.55 -12.82 0.28
CA GLY A 278 -9.64 -12.64 1.43
C GLY A 278 -10.35 -12.98 2.71
N ARG A 279 -9.72 -12.60 3.84
CA ARG A 279 -10.32 -12.99 5.10
C ARG A 279 -9.90 -11.94 6.11
N ILE A 280 -10.90 -11.39 6.78
CA ILE A 280 -10.63 -10.33 7.80
C ILE A 280 -10.93 -10.85 9.22
N ASP A 281 -10.03 -10.52 10.16
CA ASP A 281 -10.10 -11.05 11.53
C ASP A 281 -10.61 -9.96 12.43
N VAL A 282 -11.60 -10.31 13.29
CA VAL A 282 -12.32 -9.33 14.08
C VAL A 282 -12.55 -9.90 15.49
N MET A 283 -12.46 -9.07 16.55
CA MET A 283 -12.79 -9.54 17.92
C MET A 283 -13.76 -8.56 18.62
N LEU A 284 -14.66 -9.13 19.40
CA LEU A 284 -15.41 -8.31 20.38
C LEU A 284 -14.49 -7.92 21.52
N ASP A 285 -14.78 -6.79 22.18
CA ASP A 285 -14.16 -6.45 23.44
C ASP A 285 -15.23 -6.34 24.52
N SER A 286 -14.80 -6.09 25.76
CA SER A 286 -15.67 -5.98 26.94
C SER A 286 -16.81 -4.96 26.75
N ASP A 287 -16.58 -3.93 25.92
CA ASP A 287 -17.59 -2.90 25.63
C ASP A 287 -18.71 -3.32 24.66
N GLY A 288 -18.67 -4.57 24.19
CA GLY A 288 -19.66 -5.09 23.24
C GLY A 288 -19.48 -4.66 21.78
N GLN A 289 -18.34 -4.03 21.49
CA GLN A 289 -18.07 -3.53 20.16
C GLN A 289 -17.07 -4.47 19.42
N PHE A 290 -17.22 -4.53 18.11
CA PHE A 290 -16.27 -5.29 17.24
C PHE A 290 -15.07 -4.41 16.91
N TYR A 291 -13.88 -5.04 16.90
CA TYR A 291 -12.65 -4.34 16.58
C TYR A 291 -11.94 -5.11 15.50
N LEU A 292 -11.50 -4.39 14.47
CA LEU A 292 -10.72 -5.01 13.39
C LEU A 292 -9.27 -5.31 13.82
N LEU A 293 -8.85 -6.53 13.56
CA LEU A 293 -7.44 -6.97 13.79
C LEU A 293 -6.56 -6.78 12.56
N GLU A 294 -6.94 -7.40 11.45
CA GLU A 294 -6.13 -7.33 10.22
C GLU A 294 -6.91 -7.93 9.08
N ALA A 295 -6.44 -7.63 7.87
CA ALA A 295 -6.90 -8.32 6.66
C ALA A 295 -5.83 -9.23 6.14
N ASN A 296 -6.27 -10.37 5.57
CA ASN A 296 -5.39 -11.35 4.90
C ASN A 296 -5.79 -11.50 3.47
N THR A 297 -4.89 -11.11 2.57
CA THR A 297 -5.20 -11.14 1.13
C THR A 297 -4.81 -12.42 0.41
N SER A 298 -4.02 -13.30 1.04
CA SER A 298 -3.86 -14.66 0.53
C SER A 298 -4.07 -15.67 1.68
N PRO A 299 -5.34 -15.90 2.07
CA PRO A 299 -5.62 -16.71 3.26
C PRO A 299 -5.35 -18.18 3.06
N GLY A 300 -5.24 -18.87 4.21
CA GLY A 300 -4.97 -20.35 4.25
C GLY A 300 -5.98 -21.07 3.39
N MET A 301 -5.47 -22.06 2.66
CA MET A 301 -6.36 -22.87 1.77
C MET A 301 -6.04 -24.32 1.91
N THR A 302 -5.62 -24.71 3.11
CA THR A 302 -5.57 -26.13 3.43
C THR A 302 -7.00 -26.66 3.46
N SER A 303 -7.13 -27.98 3.42
CA SER A 303 -8.48 -28.58 3.47
C SER A 303 -9.27 -28.07 4.67
N HIS A 304 -8.60 -27.90 5.81
CA HIS A 304 -9.23 -27.56 7.08
C HIS A 304 -9.20 -26.06 7.39
N SER A 305 -8.84 -25.25 6.40
CA SER A 305 -8.71 -23.80 6.61
C SER A 305 -10.07 -23.07 6.74
N LEU A 306 -10.01 -21.82 7.17
CA LEU A 306 -11.24 -21.13 7.47
C LEU A 306 -11.97 -20.60 6.26
N VAL A 307 -11.27 -20.15 5.21
CA VAL A 307 -12.03 -19.74 4.03
C VAL A 307 -12.84 -20.93 3.46
N PRO A 308 -12.21 -22.10 3.31
CA PRO A 308 -12.99 -23.27 2.85
C PRO A 308 -14.15 -23.57 3.80
N MET A 309 -13.96 -23.38 5.10
CA MET A 309 -15.05 -23.67 6.07
C MET A 309 -16.24 -22.74 5.85
N ALA A 310 -15.98 -21.45 5.65
CA ALA A 310 -17.05 -20.49 5.43
C ALA A 310 -17.73 -20.75 4.10
N ALA A 311 -16.93 -21.05 3.07
CA ALA A 311 -17.50 -21.37 1.73
C ALA A 311 -18.36 -22.63 1.75
N ARG A 312 -17.97 -23.59 2.58
CA ARG A 312 -18.76 -24.83 2.73
C ARG A 312 -20.12 -24.50 3.34
N GLN A 313 -20.14 -23.65 4.35
CA GLN A 313 -21.41 -23.28 4.95
C GLN A 313 -22.32 -22.55 3.95
N ALA A 314 -21.71 -21.86 2.99
CA ALA A 314 -22.42 -21.13 1.92
C ALA A 314 -22.74 -21.99 0.71
N GLY A 315 -22.46 -23.29 0.81
CA GLY A 315 -22.84 -24.22 -0.24
C GLY A 315 -21.79 -24.62 -1.27
N MET A 316 -20.52 -24.21 -1.07
CA MET A 316 -19.45 -24.53 -2.02
C MET A 316 -18.51 -25.65 -1.56
N SER A 317 -18.27 -26.62 -2.42
CA SER A 317 -17.13 -27.52 -2.17
C SER A 317 -15.81 -26.78 -2.31
N PHE A 318 -14.75 -27.41 -1.82
CA PHE A 318 -13.41 -26.82 -1.97
C PHE A 318 -13.05 -26.56 -3.41
N SER A 319 -13.35 -27.52 -4.29
CA SER A 319 -13.03 -27.32 -5.72
C SER A 319 -13.84 -26.16 -6.30
N GLN A 320 -15.13 -26.06 -5.96
CA GLN A 320 -15.93 -24.96 -6.48
C GLN A 320 -15.36 -23.64 -6.01
N LEU A 321 -14.92 -23.60 -4.75
CA LEU A 321 -14.26 -22.35 -4.23
C LEU A 321 -13.02 -21.92 -5.02
N VAL A 322 -12.08 -22.85 -5.24
CA VAL A 322 -10.83 -22.43 -5.92
C VAL A 322 -11.11 -22.06 -7.37
N VAL A 323 -12.06 -22.75 -8.01
CA VAL A 323 -12.43 -22.40 -9.39
C VAL A 323 -12.99 -20.96 -9.41
N ARG A 324 -13.84 -20.62 -8.44
CA ARG A 324 -14.40 -19.28 -8.35
C ARG A 324 -13.31 -18.21 -8.10
N ILE A 325 -12.39 -18.50 -7.20
CA ILE A 325 -11.28 -17.55 -6.95
C ILE A 325 -10.47 -17.30 -8.24
N LEU A 326 -10.19 -18.36 -9.01
CA LEU A 326 -9.45 -18.23 -10.23
C LEU A 326 -10.26 -17.43 -11.27
N GLU A 327 -11.58 -17.67 -11.34
CA GLU A 327 -12.44 -16.98 -12.31
C GLU A 327 -12.43 -15.49 -12.07
N LEU A 328 -12.27 -15.12 -10.81
CA LEU A 328 -12.26 -13.70 -10.44
C LEU A 328 -10.99 -12.95 -10.87
N ALA A 329 -9.93 -13.70 -11.21
CA ALA A 329 -8.66 -13.07 -11.61
C ALA A 329 -8.74 -12.42 -12.98
N ASP A 330 -8.11 -11.25 -13.00
CA ASP A 330 -7.95 -10.26 -14.08
C ASP A 330 -8.35 -10.63 -15.50
N ASP B 27 29.78 -0.56 -11.57
CA ASP B 27 28.42 -1.08 -11.87
C ASP B 27 27.75 -0.32 -13.02
N LYS B 28 26.95 -1.03 -13.80
CA LYS B 28 26.16 -0.40 -14.87
C LYS B 28 24.74 -0.04 -14.39
N ILE B 29 24.32 1.18 -14.73
CA ILE B 29 23.06 1.76 -14.24
C ILE B 29 22.05 1.98 -15.38
N ALA B 30 20.80 1.61 -15.11
CA ALA B 30 19.70 1.88 -16.04
C ALA B 30 18.90 3.06 -15.50
N VAL B 31 18.63 4.03 -16.37
CA VAL B 31 17.83 5.19 -15.98
C VAL B 31 16.51 5.10 -16.70
N LEU B 32 15.49 4.63 -16.00
CA LEU B 32 14.21 4.40 -16.61
C LEU B 32 13.50 5.72 -16.88
N LEU B 33 13.13 5.97 -18.13
CA LEU B 33 12.43 7.20 -18.50
C LEU B 33 11.30 7.01 -19.51
N GLY B 34 10.37 7.95 -19.52
CA GLY B 34 9.26 7.93 -20.47
C GLY B 34 8.08 7.15 -19.96
N GLY B 35 8.02 5.87 -20.35
CA GLY B 35 6.89 5.01 -19.97
C GLY B 35 5.62 5.37 -20.69
N THR B 36 4.49 5.03 -20.10
CA THR B 36 3.19 5.13 -20.78
C THR B 36 2.09 5.91 -20.05
N SER B 37 2.46 6.70 -19.03
CA SER B 37 1.49 7.53 -18.29
C SER B 37 1.27 8.94 -18.91
N ALA B 38 0.29 9.66 -18.34
CA ALA B 38 -0.01 11.04 -18.72
C ALA B 38 1.18 11.98 -18.50
N GLU B 39 2.15 11.53 -17.69
CA GLU B 39 3.34 12.33 -17.37
C GLU B 39 4.57 11.88 -18.16
N ARG B 40 4.35 11.13 -19.24
CA ARG B 40 5.44 10.63 -20.08
C ARG B 40 6.42 11.71 -20.51
N GLU B 41 5.89 12.85 -21.00
CA GLU B 41 6.71 13.96 -21.49
C GLU B 41 7.58 14.60 -20.40
N VAL B 42 7.05 14.70 -19.19
CA VAL B 42 7.83 15.20 -18.06
C VAL B 42 8.96 14.20 -17.76
N SER B 43 8.62 12.91 -17.78
CA SER B 43 9.57 11.86 -17.45
C SER B 43 10.73 11.79 -18.42
N LEU B 44 10.45 12.03 -19.70
CA LEU B 44 11.50 12.03 -20.74
C LEU B 44 12.50 13.12 -20.43
N ASN B 45 11.98 14.27 -19.99
CA ASN B 45 12.85 15.38 -19.57
C ASN B 45 13.60 15.14 -18.25
N SER B 46 12.96 14.53 -17.25
CA SER B 46 13.67 14.17 -16.01
C SER B 46 14.81 13.17 -16.26
N GLY B 47 14.52 12.13 -17.04
CA GLY B 47 15.49 11.07 -17.34
C GLY B 47 16.66 11.61 -18.13
N ALA B 48 16.36 12.49 -19.10
CA ALA B 48 17.43 13.18 -19.84
C ALA B 48 18.36 13.94 -18.88
N ALA B 49 17.78 14.57 -17.85
CA ALA B 49 18.61 15.40 -16.96
C ALA B 49 19.36 14.52 -15.96
N VAL B 50 18.69 13.47 -15.49
CA VAL B 50 19.30 12.53 -14.55
C VAL B 50 20.52 11.86 -15.18
N LEU B 51 20.39 11.48 -16.45
CA LEU B 51 21.42 10.76 -17.20
C LEU B 51 22.72 11.56 -17.23
N ALA B 52 22.59 12.81 -17.65
CA ALA B 52 23.72 13.73 -17.82
C ALA B 52 24.40 14.02 -16.47
N GLY B 53 23.62 14.42 -15.47
CA GLY B 53 24.15 14.58 -14.12
C GLY B 53 24.81 13.31 -13.58
N LEU B 54 24.31 12.15 -13.96
CA LEU B 54 24.92 10.89 -13.54
C LEU B 54 26.23 10.60 -14.29
N ARG B 55 26.30 10.99 -15.57
CA ARG B 55 27.50 10.74 -16.37
C ARG B 55 28.61 11.72 -16.00
N GLU B 56 28.19 12.90 -15.58
CA GLU B 56 29.07 13.95 -15.06
C GLU B 56 29.67 13.54 -13.71
N GLY B 57 29.00 12.62 -13.01
CA GLY B 57 29.48 12.11 -11.72
C GLY B 57 30.36 10.89 -11.80
N GLY B 58 30.61 10.39 -13.03
CA GLY B 58 31.51 9.26 -13.26
C GLY B 58 30.80 7.91 -13.28
N ILE B 59 29.47 7.94 -13.14
CA ILE B 59 28.64 6.74 -13.16
C ILE B 59 28.40 6.23 -14.59
N ASP B 60 28.38 4.91 -14.76
CA ASP B 60 28.13 4.27 -16.06
C ASP B 60 26.62 4.07 -16.30
N ALA B 61 25.92 5.16 -16.61
CA ALA B 61 24.44 5.15 -16.76
C ALA B 61 23.97 5.22 -18.21
N TYR B 62 22.83 4.57 -18.49
CA TYR B 62 22.25 4.53 -19.84
C TYR B 62 20.72 4.61 -19.81
N PRO B 63 20.11 5.43 -20.69
CA PRO B 63 18.67 5.59 -20.68
C PRO B 63 17.94 4.34 -21.19
N VAL B 64 16.88 3.95 -20.50
CA VAL B 64 16.02 2.84 -20.93
C VAL B 64 14.58 3.32 -20.83
N ASP B 65 13.82 3.16 -21.91
CA ASP B 65 12.44 3.60 -21.95
C ASP B 65 11.53 2.39 -22.02
N PRO B 66 10.74 2.15 -20.94
CA PRO B 66 9.81 1.00 -20.83
C PRO B 66 8.79 0.90 -21.96
N LYS B 67 8.53 2.01 -22.64
CA LYS B 67 7.66 2.00 -23.82
C LYS B 67 8.41 1.38 -25.00
N GLU B 68 9.74 1.52 -25.03
CA GLU B 68 10.58 0.97 -26.10
C GLU B 68 11.18 -0.39 -25.73
N VAL B 69 11.54 -0.54 -24.45
CA VAL B 69 12.29 -1.70 -23.98
C VAL B 69 11.50 -2.46 -22.90
N ASP B 70 11.34 -3.76 -23.11
CA ASP B 70 10.78 -4.68 -22.13
C ASP B 70 11.66 -4.64 -20.87
N VAL B 71 11.15 -4.03 -19.80
CA VAL B 71 11.93 -3.84 -18.57
C VAL B 71 12.23 -5.15 -17.82
N THR B 72 11.37 -6.15 -18.00
CA THR B 72 11.56 -7.47 -17.37
C THR B 72 12.92 -8.08 -17.76
N GLN B 73 13.54 -7.49 -18.78
CA GLN B 73 14.83 -7.94 -19.34
C GLN B 73 16.07 -7.18 -18.83
N LEU B 74 15.92 -6.36 -17.80
CA LEU B 74 17.01 -5.47 -17.34
C LEU B 74 18.29 -6.19 -16.90
N LYS B 75 18.19 -7.11 -15.95
CA LYS B 75 19.35 -7.87 -15.49
C LYS B 75 19.95 -8.68 -16.64
N SER B 76 19.09 -9.24 -17.50
CA SER B 76 19.54 -9.97 -18.69
C SER B 76 20.19 -9.05 -19.74
N MET B 77 19.92 -7.76 -19.61
CA MET B 77 20.56 -6.73 -20.46
C MET B 77 21.92 -6.27 -19.91
N GLY B 78 22.20 -6.63 -18.66
CA GLY B 78 23.51 -6.36 -18.05
C GLY B 78 23.64 -5.24 -17.01
N PHE B 79 22.53 -4.58 -16.64
CA PHE B 79 22.58 -3.54 -15.58
C PHE B 79 22.57 -4.21 -14.19
N GLN B 80 23.15 -3.55 -13.19
CA GLN B 80 23.00 -4.02 -11.79
C GLN B 80 22.40 -3.02 -10.78
N LYS B 81 22.02 -1.82 -11.23
CA LYS B 81 21.27 -0.87 -10.40
C LYS B 81 20.34 -0.05 -11.29
N VAL B 82 19.21 0.39 -10.72
CA VAL B 82 18.25 1.19 -11.48
C VAL B 82 18.01 2.58 -10.86
N PHE B 83 17.92 3.61 -11.69
CA PHE B 83 17.45 4.91 -11.25
C PHE B 83 16.10 5.13 -11.88
N ILE B 84 15.08 5.28 -11.05
CA ILE B 84 13.76 5.46 -11.56
C ILE B 84 13.52 6.94 -11.73
N ALA B 85 13.39 7.36 -13.00
CA ALA B 85 12.97 8.72 -13.36
C ALA B 85 11.61 8.71 -14.07
N LEU B 86 10.78 7.70 -13.74
CA LEU B 86 9.43 7.62 -14.28
C LEU B 86 8.52 8.37 -13.33
N HIS B 87 7.43 8.90 -13.87
CA HIS B 87 6.39 9.53 -13.06
C HIS B 87 5.06 8.89 -13.42
N GLY B 88 4.21 8.68 -12.43
CA GLY B 88 2.85 8.17 -12.65
C GLY B 88 2.79 6.66 -12.54
N ARG B 89 1.56 6.14 -12.54
CA ARG B 89 1.29 4.68 -12.48
C ARG B 89 2.16 3.86 -13.43
N GLY B 90 2.58 2.69 -12.96
CA GLY B 90 3.60 1.86 -13.62
C GLY B 90 4.93 2.05 -12.89
N GLY B 91 5.58 3.19 -13.14
CA GLY B 91 6.90 3.49 -12.58
C GLY B 91 6.98 3.99 -11.14
N GLU B 92 5.86 4.51 -10.62
CA GLU B 92 5.85 5.16 -9.34
C GLU B 92 4.95 4.46 -8.33
N ASP B 93 4.11 3.50 -8.76
CA ASP B 93 3.06 2.96 -7.90
C ASP B 93 3.36 1.58 -7.32
N GLY B 94 4.63 1.21 -7.25
CA GLY B 94 5.01 -0.06 -6.60
C GLY B 94 5.10 -1.28 -7.50
N THR B 95 4.52 -1.20 -8.70
CA THR B 95 4.49 -2.34 -9.62
C THR B 95 5.91 -2.64 -10.09
N LEU B 96 6.58 -1.63 -10.65
CA LEU B 96 7.98 -1.71 -11.00
C LEU B 96 8.91 -2.11 -9.85
N GLN B 97 8.73 -1.49 -8.68
CA GLN B 97 9.50 -1.83 -7.50
C GLN B 97 9.38 -3.31 -7.12
N GLY B 98 8.19 -3.85 -7.33
CA GLY B 98 7.97 -5.29 -7.04
C GLY B 98 8.71 -6.13 -8.06
N MET B 99 8.61 -5.79 -9.34
CA MET B 99 9.34 -6.51 -10.38
C MET B 99 10.83 -6.48 -10.12
N LEU B 100 11.35 -5.28 -9.87
CA LEU B 100 12.78 -5.13 -9.57
C LEU B 100 13.24 -5.88 -8.32
N GLU B 101 12.41 -5.94 -7.28
CA GLU B 101 12.77 -6.65 -6.05
C GLU B 101 12.98 -8.14 -6.33
N LEU B 102 12.12 -8.69 -7.20
CA LEU B 102 12.17 -10.11 -7.58
C LEU B 102 13.21 -10.42 -8.66
N MET B 103 13.58 -9.41 -9.45
CA MET B 103 14.69 -9.52 -10.42
C MET B 103 16.01 -9.42 -9.65
N GLY B 104 15.94 -8.91 -8.44
CA GLY B 104 17.10 -8.78 -7.56
C GLY B 104 17.66 -7.37 -7.41
N LEU B 105 17.42 -6.55 -8.45
CA LEU B 105 18.11 -5.28 -8.67
C LEU B 105 17.77 -4.16 -7.70
N PRO B 106 18.81 -3.51 -7.15
CA PRO B 106 18.59 -2.36 -6.28
C PRO B 106 18.09 -1.19 -7.10
N TYR B 107 17.24 -0.38 -6.48
CA TYR B 107 16.62 0.68 -7.22
C TYR B 107 16.52 1.88 -6.32
N THR B 108 16.36 3.06 -6.92
CA THR B 108 16.26 4.30 -6.18
C THR B 108 14.87 4.46 -5.52
N GLY B 109 14.83 5.13 -4.35
CA GLY B 109 13.53 5.53 -3.78
C GLY B 109 12.75 4.49 -2.98
N SER B 110 11.47 4.81 -2.78
CA SER B 110 10.58 4.08 -1.85
C SER B 110 10.29 2.67 -2.32
N GLY B 111 10.03 1.78 -1.38
CA GLY B 111 9.70 0.38 -1.68
C GLY B 111 8.28 0.26 -2.20
N VAL B 112 7.82 -0.97 -2.33
CA VAL B 112 6.54 -1.25 -2.96
C VAL B 112 5.37 -0.60 -2.23
N MET B 113 5.25 -0.86 -0.93
CA MET B 113 4.13 -0.30 -0.13
C MET B 113 4.07 1.20 -0.22
N ALA B 114 5.18 1.86 0.12
CA ALA B 114 5.16 3.33 0.23
C ALA B 114 4.96 3.97 -1.14
N SER B 115 5.49 3.35 -2.19
CA SER B 115 5.25 3.87 -3.54
C SER B 115 3.76 3.76 -3.90
N ALA B 116 3.18 2.57 -3.72
CA ALA B 116 1.77 2.38 -4.01
C ALA B 116 0.86 3.28 -3.18
N LEU B 117 1.20 3.43 -1.90
CA LEU B 117 0.39 4.25 -1.04
C LEU B 117 0.50 5.75 -1.42
N SER B 118 1.71 6.22 -1.68
CA SER B 118 1.95 7.63 -2.09
C SER B 118 1.28 8.03 -3.40
N MET B 119 1.09 7.08 -4.32
CA MET B 119 0.34 7.32 -5.55
C MET B 119 -1.15 7.48 -5.30
N ASP B 120 -1.66 6.88 -4.25
CA ASP B 120 -3.09 6.85 -4.00
C ASP B 120 -3.40 7.98 -3.06
N LYS B 121 -3.92 9.08 -3.59
CA LYS B 121 -4.12 10.24 -2.72
C LYS B 121 -5.22 10.00 -1.70
N LEU B 122 -6.25 9.23 -2.06
CA LEU B 122 -7.27 8.87 -1.05
C LEU B 122 -6.69 8.11 0.15
N ARG B 123 -5.91 7.08 -0.11
CA ARG B 123 -5.36 6.30 1.01
C ARG B 123 -4.22 6.98 1.76
N SER B 124 -3.43 7.80 1.06
CA SER B 124 -2.48 8.71 1.77
C SER B 124 -3.22 9.59 2.78
N LYS B 125 -4.33 10.18 2.33
CA LYS B 125 -5.12 11.07 3.16
C LYS B 125 -5.64 10.31 4.39
N LEU B 126 -6.14 9.09 4.17
CA LEU B 126 -6.70 8.30 5.27
C LEU B 126 -5.63 7.93 6.27
N LEU B 127 -4.48 7.55 5.76
CA LEU B 127 -3.34 7.19 6.61
C LEU B 127 -2.89 8.39 7.46
N TRP B 128 -2.70 9.54 6.81
CA TRP B 128 -2.28 10.71 7.56
C TRP B 128 -3.34 11.16 8.58
N GLN B 129 -4.64 11.12 8.20
CA GLN B 129 -5.71 11.45 9.14
C GLN B 129 -5.70 10.48 10.34
N GLY B 130 -5.50 9.18 10.05
CA GLY B 130 -5.38 8.16 11.11
C GLY B 130 -4.26 8.46 12.06
N ALA B 131 -3.19 9.06 11.54
CA ALA B 131 -1.98 9.37 12.28
C ALA B 131 -2.08 10.73 13.00
N GLY B 132 -3.19 11.41 12.81
CA GLY B 132 -3.43 12.73 13.47
C GLY B 132 -2.77 13.88 12.77
N LEU B 133 -2.41 13.67 11.50
CA LEU B 133 -1.73 14.71 10.70
C LEU B 133 -2.73 15.57 9.95
N PRO B 134 -2.36 16.82 9.64
CA PRO B 134 -3.31 17.75 9.03
C PRO B 134 -3.52 17.55 7.54
N VAL B 135 -4.78 17.36 7.16
CA VAL B 135 -5.14 17.15 5.79
C VAL B 135 -6.39 17.97 5.51
N ALA B 136 -6.53 18.45 4.29
CA ALA B 136 -7.72 19.23 3.93
C ALA B 136 -8.99 18.39 4.01
N PRO B 137 -10.09 18.96 4.53
CA PRO B 137 -11.39 18.26 4.51
C PRO B 137 -11.72 17.78 3.10
N TRP B 138 -12.30 16.59 2.98
CA TRP B 138 -12.53 16.01 1.66
C TRP B 138 -13.69 15.02 1.65
N VAL B 139 -14.13 14.70 0.43
CA VAL B 139 -15.07 13.62 0.14
C VAL B 139 -14.49 12.78 -1.01
N ALA B 140 -14.55 11.47 -0.88
CA ALA B 140 -14.11 10.58 -1.94
C ALA B 140 -15.30 9.89 -2.58
N LEU B 141 -15.23 9.72 -3.90
CA LEU B 141 -16.29 9.11 -4.69
C LEU B 141 -15.72 8.06 -5.64
N THR B 142 -16.43 6.95 -5.80
CA THR B 142 -16.09 6.00 -6.87
C THR B 142 -16.92 6.28 -8.12
N ARG B 143 -16.47 5.73 -9.25
CA ARG B 143 -17.19 5.87 -10.53
C ARG B 143 -18.60 5.24 -10.50
N ALA B 144 -18.72 4.09 -9.86
CA ALA B 144 -20.02 3.42 -9.65
C ALA B 144 -20.99 4.29 -8.87
N GLU B 145 -20.46 5.05 -7.91
CA GLU B 145 -21.27 5.99 -7.13
C GLU B 145 -21.65 7.22 -7.95
N PHE B 146 -20.78 7.62 -8.86
CA PHE B 146 -21.04 8.77 -9.73
C PHE B 146 -22.08 8.48 -10.81
N GLU B 147 -21.87 7.40 -11.55
CA GLU B 147 -22.75 7.02 -12.67
C GLU B 147 -24.16 6.64 -12.20
N LYS B 148 -24.26 6.19 -10.95
CA LYS B 148 -25.54 5.93 -10.33
C LYS B 148 -26.24 7.24 -9.96
N GLY B 149 -25.48 8.17 -9.38
CA GLY B 149 -26.03 9.42 -8.88
C GLY B 149 -25.85 9.54 -7.38
N LEU B 150 -25.56 10.76 -6.92
CA LEU B 150 -25.18 10.99 -5.53
C LEU B 150 -26.35 10.98 -4.54
N SER B 151 -26.17 10.28 -3.43
CA SER B 151 -27.17 10.24 -2.35
C SER B 151 -27.19 11.54 -1.56
N ASP B 152 -28.24 11.74 -0.77
CA ASP B 152 -28.38 12.94 0.06
C ASP B 152 -27.29 13.05 1.13
N LYS B 153 -26.81 11.90 1.59
CA LYS B 153 -25.71 11.85 2.55
C LYS B 153 -24.43 12.45 1.95
N GLN B 154 -24.13 12.07 0.72
CA GLN B 154 -22.92 12.52 0.02
C GLN B 154 -23.00 13.99 -0.42
N LEU B 155 -24.19 14.42 -0.81
CA LEU B 155 -24.42 15.83 -1.18
C LEU B 155 -24.25 16.75 0.03
N ALA B 156 -24.69 16.28 1.20
CA ALA B 156 -24.55 17.03 2.45
C ALA B 156 -23.06 17.13 2.84
N GLU B 157 -22.34 16.02 2.68
CA GLU B 157 -20.90 16.03 2.97
C GLU B 157 -20.16 17.01 2.05
N ILE B 158 -20.49 16.98 0.76
CA ILE B 158 -19.86 17.85 -0.23
C ILE B 158 -20.17 19.32 0.02
N SER B 159 -21.41 19.62 0.39
CA SER B 159 -21.83 20.99 0.69
C SER B 159 -21.11 21.62 1.90
N ALA B 160 -20.82 20.79 2.90
CA ALA B 160 -20.09 21.24 4.09
C ALA B 160 -18.61 21.56 3.83
N LEU B 161 -18.10 21.15 2.67
CA LEU B 161 -16.74 21.56 2.25
C LEU B 161 -16.67 23.06 1.92
N GLY B 162 -17.81 23.65 1.58
CA GLY B 162 -17.85 25.05 1.16
C GLY B 162 -17.49 25.16 -0.30
N LEU B 163 -17.40 26.39 -0.78
CA LEU B 163 -16.86 26.66 -2.10
C LEU B 163 -15.78 27.72 -1.95
N PRO B 164 -14.72 27.63 -2.77
CA PRO B 164 -14.53 26.62 -3.82
C PRO B 164 -14.01 25.28 -3.31
N VAL B 165 -14.04 24.28 -4.19
CA VAL B 165 -13.40 23.00 -3.95
C VAL B 165 -12.42 22.69 -5.08
N ILE B 166 -11.51 21.74 -4.86
CA ILE B 166 -10.75 21.20 -5.96
C ILE B 166 -11.25 19.78 -6.24
N VAL B 167 -11.22 19.38 -7.49
CA VAL B 167 -11.57 18.02 -7.85
C VAL B 167 -10.34 17.41 -8.47
N LYS B 168 -9.92 16.26 -7.96
CA LYS B 168 -8.74 15.61 -8.52
C LYS B 168 -8.93 14.09 -8.58
N PRO B 169 -8.35 13.44 -9.62
CA PRO B 169 -8.22 11.97 -9.60
C PRO B 169 -7.40 11.61 -8.38
N SER B 170 -7.64 10.42 -7.86
CA SER B 170 -6.83 9.93 -6.73
C SER B 170 -5.39 9.62 -7.10
N ARG B 171 -5.17 9.07 -8.28
CA ARG B 171 -3.84 8.52 -8.61
C ARG B 171 -3.06 9.16 -9.76
N GLU B 172 -3.21 10.45 -9.97
CA GLU B 172 -2.45 11.13 -11.02
C GLU B 172 -1.28 11.97 -10.48
N GLY B 173 -0.63 12.72 -11.37
CA GLY B 173 0.47 13.61 -11.03
C GLY B 173 0.46 14.81 -11.97
N SER B 174 1.39 15.74 -11.77
CA SER B 174 1.56 16.93 -12.63
C SER B 174 0.27 17.73 -12.87
N SER B 175 -0.59 17.75 -11.85
CA SER B 175 -1.91 18.39 -11.89
C SER B 175 -2.87 17.90 -13.00
N VAL B 176 -2.69 16.65 -13.43
CA VAL B 176 -3.54 16.08 -14.49
C VAL B 176 -4.94 15.82 -14.00
N GLY B 177 -5.93 16.27 -14.79
CA GLY B 177 -7.34 15.96 -14.56
C GLY B 177 -8.00 16.83 -13.49
N MET B 178 -7.25 17.78 -12.97
CA MET B 178 -7.74 18.63 -11.89
C MET B 178 -8.48 19.88 -12.36
N SER B 179 -9.60 20.17 -11.71
CA SER B 179 -10.32 21.43 -11.96
C SER B 179 -10.85 22.07 -10.68
N LYS B 180 -10.85 23.39 -10.65
CA LYS B 180 -11.40 24.15 -9.52
C LYS B 180 -12.85 24.47 -9.80
N VAL B 181 -13.73 24.16 -8.85
CA VAL B 181 -15.14 24.45 -9.04
C VAL B 181 -15.65 25.51 -8.06
N VAL B 182 -16.30 26.53 -8.61
CA VAL B 182 -16.76 27.66 -7.82
C VAL B 182 -18.27 27.77 -7.72
N ALA B 183 -18.98 26.85 -8.35
CA ALA B 183 -20.46 26.80 -8.27
C ALA B 183 -20.95 25.36 -8.08
N GLU B 184 -21.95 25.17 -7.21
CA GLU B 184 -22.45 23.82 -6.87
C GLU B 184 -22.95 22.99 -8.07
N ASN B 185 -23.47 23.67 -9.10
CA ASN B 185 -24.02 22.99 -10.27
C ASN B 185 -22.96 22.68 -11.34
N ALA B 186 -21.71 23.04 -11.05
CA ALA B 186 -20.59 22.84 -11.96
C ALA B 186 -19.72 21.64 -11.51
N LEU B 187 -20.10 21.05 -10.39
CA LEU B 187 -19.37 19.93 -9.81
C LEU B 187 -19.47 18.67 -10.68
N GLN B 188 -20.70 18.30 -11.06
CA GLN B 188 -20.93 17.04 -11.78
C GLN B 188 -20.20 16.97 -13.12
N ASP B 189 -19.94 18.14 -13.71
CA ASP B 189 -19.12 18.25 -14.91
C ASP B 189 -17.63 18.02 -14.62
N ALA B 190 -17.14 18.55 -13.49
CA ALA B 190 -15.73 18.41 -13.07
C ALA B 190 -15.38 16.99 -12.65
N LEU B 191 -16.37 16.28 -12.13
CA LEU B 191 -16.23 14.86 -11.81
C LEU B 191 -16.12 14.06 -13.10
N ARG B 192 -16.88 14.46 -14.12
CA ARG B 192 -16.82 13.77 -15.41
C ARG B 192 -15.39 13.82 -15.97
N LEU B 193 -14.72 14.98 -15.88
CA LEU B 193 -13.34 15.09 -16.36
C LEU B 193 -12.35 14.25 -15.53
N ALA B 194 -12.41 14.41 -14.21
CA ALA B 194 -11.56 13.59 -13.32
C ALA B 194 -11.74 12.09 -13.52
N PHE B 195 -12.98 11.63 -13.69
CA PHE B 195 -13.25 10.20 -13.86
C PHE B 195 -12.75 9.64 -15.19
N GLN B 196 -12.30 10.50 -16.09
CA GLN B 196 -11.64 10.04 -17.32
C GLN B 196 -10.19 9.60 -17.03
N HIS B 197 -9.73 9.89 -15.80
CA HIS B 197 -8.36 9.61 -15.41
C HIS B 197 -8.25 8.54 -14.32
N ASP B 198 -9.32 8.35 -13.55
CA ASP B 198 -9.29 7.41 -12.42
C ASP B 198 -10.71 6.90 -12.09
N GLU B 199 -10.77 5.70 -11.49
CA GLU B 199 -11.99 5.14 -10.89
C GLU B 199 -12.37 5.72 -9.50
N GLU B 200 -11.46 6.48 -8.90
CA GLU B 200 -11.69 7.08 -7.57
C GLU B 200 -11.30 8.52 -7.66
N VAL B 201 -12.14 9.41 -7.11
CA VAL B 201 -11.94 10.85 -7.23
C VAL B 201 -12.06 11.54 -5.86
N LEU B 202 -11.25 12.57 -5.64
CA LEU B 202 -11.34 13.37 -4.41
C LEU B 202 -11.93 14.71 -4.71
N ILE B 203 -12.83 15.13 -3.83
CA ILE B 203 -13.27 16.54 -3.76
C ILE B 203 -12.74 17.10 -2.45
N GLU B 204 -11.89 18.10 -2.51
CA GLU B 204 -11.23 18.70 -1.33
C GLU B 204 -11.59 20.16 -1.20
N LYS B 205 -11.65 20.63 0.05
CA LYS B 205 -11.73 22.06 0.36
C LYS B 205 -10.58 22.79 -0.32
N TRP B 206 -10.89 23.90 -0.97
CA TRP B 206 -9.90 24.80 -1.52
C TRP B 206 -9.04 25.40 -0.40
N LEU B 207 -7.74 25.20 -0.49
CA LEU B 207 -6.80 25.82 0.45
C LEU B 207 -6.26 27.15 -0.11
N SER B 208 -6.25 28.16 0.76
CA SER B 208 -5.81 29.51 0.42
C SER B 208 -4.43 29.55 -0.22
N GLY B 209 -3.53 28.72 0.29
CA GLY B 209 -2.13 28.98 0.06
C GLY B 209 -1.66 30.03 1.08
N PRO B 210 -0.37 30.37 1.04
CA PRO B 210 0.61 29.96 0.01
C PRO B 210 0.95 28.47 -0.05
N GLU B 211 1.57 28.09 -1.17
CA GLU B 211 1.94 26.72 -1.45
C GLU B 211 3.44 26.45 -1.28
N PHE B 212 3.79 25.29 -0.72
CA PHE B 212 5.18 24.91 -0.50
C PHE B 212 5.45 23.49 -0.98
N THR B 213 6.73 23.17 -1.18
CA THR B 213 7.13 21.79 -1.36
C THR B 213 8.44 21.53 -0.63
N VAL B 214 8.55 20.34 -0.05
CA VAL B 214 9.71 19.99 0.74
C VAL B 214 10.34 18.69 0.30
N ALA B 215 11.61 18.76 -0.09
CA ALA B 215 12.32 17.59 -0.54
C ALA B 215 12.99 16.86 0.63
N ILE B 216 13.02 15.54 0.48
CA ILE B 216 13.67 14.66 1.41
C ILE B 216 14.76 13.88 0.70
N LEU B 217 15.90 13.72 1.39
CA LEU B 217 17.02 12.95 0.89
C LEU B 217 17.67 12.19 2.03
N GLY B 218 17.50 10.86 2.05
CA GLY B 218 17.93 10.05 3.17
C GLY B 218 17.26 10.51 4.46
N GLU B 219 18.07 10.78 5.48
CA GLU B 219 17.57 11.31 6.74
C GLU B 219 17.53 12.85 6.78
N GLU B 220 17.76 13.49 5.62
CA GLU B 220 17.86 14.96 5.55
C GLU B 220 16.61 15.58 4.93
N ILE B 221 16.03 16.54 5.63
CA ILE B 221 14.99 17.36 5.03
C ILE B 221 15.66 18.59 4.44
N LEU B 222 15.48 18.79 3.14
CA LEU B 222 16.10 19.91 2.42
C LEU B 222 15.27 21.19 2.54
N PRO B 223 15.90 22.36 2.30
CA PRO B 223 15.20 23.64 2.41
C PRO B 223 13.88 23.71 1.62
N SER B 224 12.82 24.19 2.27
CA SER B 224 11.51 24.29 1.62
C SER B 224 11.48 25.30 0.46
N ILE B 225 10.51 25.12 -0.43
CA ILE B 225 10.32 26.01 -1.58
C ILE B 225 8.89 26.52 -1.59
N ARG B 226 8.72 27.84 -1.70
CA ARG B 226 7.41 28.42 -1.95
C ARG B 226 7.17 28.53 -3.45
N ILE B 227 5.95 28.19 -3.87
CA ILE B 227 5.51 28.20 -5.28
C ILE B 227 4.37 29.21 -5.49
N GLN B 228 4.60 30.20 -6.37
CA GLN B 228 3.54 31.16 -6.71
C GLN B 228 3.22 31.10 -8.21
N PRO B 229 2.15 30.36 -8.55
CA PRO B 229 1.75 30.33 -9.96
C PRO B 229 1.04 31.61 -10.35
N SER B 230 1.21 32.01 -11.61
CA SER B 230 0.30 32.96 -12.22
C SER B 230 -0.83 32.08 -12.73
N GLY B 231 -2.05 32.41 -12.35
CA GLY B 231 -3.18 31.57 -12.70
C GLY B 231 -3.83 31.00 -11.47
N THR B 232 -4.80 30.12 -11.72
CA THR B 232 -5.73 29.63 -10.71
C THR B 232 -5.05 28.74 -9.67
N PHE B 233 -4.26 27.78 -10.15
CA PHE B 233 -3.46 26.94 -9.25
C PHE B 233 -2.18 26.51 -9.96
N TYR B 234 -1.39 25.65 -9.30
CA TYR B 234 -0.14 25.18 -9.89
C TYR B 234 -0.49 24.05 -10.83
N ASP B 235 -0.98 24.41 -12.03
CA ASP B 235 -1.39 23.42 -13.03
C ASP B 235 -0.25 22.92 -13.92
N TYR B 236 -0.57 22.11 -14.92
CA TYR B 236 0.45 21.51 -15.80
C TYR B 236 1.24 22.57 -16.56
N GLU B 237 0.53 23.57 -17.08
CA GLU B 237 1.19 24.68 -17.76
C GLU B 237 2.14 25.42 -16.85
N ALA B 238 1.69 25.71 -15.62
CA ALA B 238 2.48 26.46 -14.64
C ALA B 238 3.71 25.63 -14.22
N LYS B 239 3.54 24.32 -14.15
CA LYS B 239 4.62 23.43 -13.81
C LYS B 239 5.73 23.33 -14.86
N TYR B 240 5.37 23.19 -16.14
CA TYR B 240 6.37 22.75 -17.13
C TYR B 240 6.54 23.59 -18.39
N LEU B 241 5.61 24.49 -18.64
CA LEU B 241 5.54 25.14 -19.95
C LEU B 241 5.77 26.64 -19.82
N SER B 242 5.18 27.22 -18.78
CA SER B 242 5.19 28.65 -18.52
C SER B 242 6.51 29.13 -17.91
N ASP B 243 6.84 30.40 -18.16
CA ASP B 243 7.95 31.07 -17.47
C ASP B 243 7.44 32.01 -16.36
N GLU B 244 6.13 31.98 -16.10
CA GLU B 244 5.51 32.95 -15.19
C GLU B 244 5.50 32.50 -13.73
N THR B 245 5.73 31.21 -13.51
CA THR B 245 5.73 30.67 -12.15
C THR B 245 6.94 31.14 -11.34
N GLN B 246 6.67 31.67 -10.15
CA GLN B 246 7.73 32.15 -9.26
C GLN B 246 8.01 31.15 -8.14
N TYR B 247 9.31 30.93 -7.89
CA TYR B 247 9.77 30.01 -6.87
C TYR B 247 10.70 30.77 -5.91
N PHE B 248 10.61 30.42 -4.63
CA PHE B 248 11.45 31.04 -3.61
C PHE B 248 12.10 29.96 -2.75
N CYS B 249 13.42 29.84 -2.85
CA CYS B 249 14.22 28.92 -2.02
C CYS B 249 15.39 29.71 -1.40
N PRO B 250 15.42 29.86 -0.06
CA PRO B 250 14.45 29.34 0.92
C PRO B 250 13.07 29.98 0.78
N ALA B 251 12.08 29.42 1.48
CA ALA B 251 10.69 29.74 1.25
C ALA B 251 10.24 31.06 1.80
N GLY B 252 11.08 31.69 2.64
CA GLY B 252 10.79 32.99 3.19
C GLY B 252 9.91 32.93 4.43
N LEU B 253 9.82 31.74 5.03
CA LEU B 253 9.02 31.59 6.24
C LEU B 253 9.76 32.11 7.47
N GLU B 254 8.98 32.54 8.45
CA GLU B 254 9.51 32.79 9.78
C GLU B 254 10.16 31.52 10.30
N ALA B 255 11.25 31.66 11.06
CA ALA B 255 12.01 30.51 11.57
C ALA B 255 11.16 29.41 12.24
N SER B 256 10.18 29.82 13.04
CA SER B 256 9.29 28.87 13.73
C SER B 256 8.35 28.13 12.74
N GLN B 257 7.91 28.84 11.71
CA GLN B 257 7.06 28.26 10.67
C GLN B 257 7.83 27.27 9.81
N GLU B 258 9.04 27.64 9.40
CA GLU B 258 9.92 26.75 8.65
C GLU B 258 10.21 25.48 9.47
N ALA B 259 10.41 25.65 10.78
CA ALA B 259 10.63 24.50 11.66
C ALA B 259 9.42 23.58 11.74
N ASN B 260 8.22 24.17 11.81
CA ASN B 260 6.97 23.45 11.87
C ASN B 260 6.73 22.68 10.56
N LEU B 261 7.03 23.35 9.43
CA LEU B 261 6.91 22.72 8.11
C LEU B 261 7.80 21.47 8.00
N GLN B 262 9.04 21.60 8.43
CA GLN B 262 10.01 20.51 8.32
C GLN B 262 9.63 19.32 9.20
N ALA B 263 9.13 19.63 10.40
CA ALA B 263 8.68 18.61 11.34
C ALA B 263 7.46 17.87 10.81
N LEU B 264 6.52 18.62 10.22
CA LEU B 264 5.31 18.06 9.62
C LEU B 264 5.67 17.11 8.46
N VAL B 265 6.52 17.58 7.55
CA VAL B 265 6.94 16.75 6.43
C VAL B 265 7.65 15.48 6.90
N LEU B 266 8.49 15.58 7.93
CA LEU B 266 9.17 14.36 8.42
C LEU B 266 8.17 13.33 8.90
N LYS B 267 7.18 13.78 9.70
CA LYS B 267 6.14 12.87 10.24
C LYS B 267 5.34 12.25 9.08
N ALA B 268 5.05 13.05 8.04
CA ALA B 268 4.28 12.56 6.89
C ALA B 268 5.04 11.48 6.10
N TRP B 269 6.34 11.73 5.93
CA TRP B 269 7.27 10.85 5.22
C TRP B 269 7.35 9.52 5.96
N THR B 270 7.58 9.58 7.26
CA THR B 270 7.79 8.35 8.04
C THR B 270 6.52 7.53 8.22
N THR B 271 5.38 8.22 8.34
CA THR B 271 4.10 7.57 8.46
C THR B 271 3.78 6.75 7.19
N LEU B 272 4.08 7.33 6.03
CA LEU B 272 3.88 6.61 4.76
C LEU B 272 4.86 5.46 4.55
N GLY B 273 6.00 5.52 5.24
CA GLY B 273 7.02 4.45 5.12
C GLY B 273 7.95 4.68 3.94
N CYS B 274 8.03 5.92 3.46
CA CYS B 274 8.91 6.27 2.35
C CYS B 274 10.38 6.15 2.69
N LYS B 275 11.19 5.99 1.64
CA LYS B 275 12.64 5.74 1.76
C LYS B 275 13.41 6.38 0.61
N GLY B 276 14.66 6.77 0.90
CA GLY B 276 15.56 7.22 -0.17
C GLY B 276 15.47 8.69 -0.45
N TRP B 277 14.45 9.09 -1.22
CA TRP B 277 14.24 10.50 -1.57
C TRP B 277 12.83 10.71 -2.02
N GLY B 278 12.41 11.96 -2.05
CA GLY B 278 11.06 12.34 -2.44
C GLY B 278 10.72 13.79 -2.21
N ARG B 279 9.47 14.13 -2.44
CA ARG B 279 9.05 15.54 -2.31
C ARG B 279 7.62 15.53 -1.77
N ILE B 280 7.38 16.28 -0.70
CA ILE B 280 6.01 16.34 -0.17
C ILE B 280 5.43 17.74 -0.37
N ASP B 281 4.20 17.81 -0.87
CA ASP B 281 3.48 19.05 -1.15
C ASP B 281 2.60 19.44 0.03
N VAL B 282 2.69 20.71 0.40
CA VAL B 282 2.01 21.27 1.58
C VAL B 282 1.44 22.65 1.22
N MET B 283 0.25 22.98 1.68
CA MET B 283 -0.25 24.36 1.57
C MET B 283 -0.73 24.91 2.91
N LEU B 284 -0.53 26.23 3.09
CA LEU B 284 -1.20 26.92 4.21
C LEU B 284 -2.65 27.10 3.83
N ASP B 285 -3.52 27.21 4.84
CA ASP B 285 -4.90 27.61 4.61
C ASP B 285 -5.21 28.90 5.36
N SER B 286 -6.48 29.30 5.32
CA SER B 286 -6.94 30.60 5.88
C SER B 286 -6.76 30.70 7.39
N ASP B 287 -6.57 29.55 8.03
CA ASP B 287 -6.37 29.46 9.46
C ASP B 287 -4.87 29.60 9.83
N GLY B 288 -4.02 29.84 8.85
CA GLY B 288 -2.58 30.00 9.06
C GLY B 288 -1.87 28.69 9.38
N GLN B 289 -2.53 27.57 9.10
CA GLN B 289 -1.93 26.25 9.37
C GLN B 289 -1.60 25.49 8.09
N PHE B 290 -0.63 24.56 8.19
CA PHE B 290 -0.19 23.71 7.08
C PHE B 290 -1.05 22.47 6.95
N TYR B 291 -1.31 22.09 5.69
CA TYR B 291 -2.07 20.91 5.32
C TYR B 291 -1.31 20.10 4.26
N LEU B 292 -1.27 18.77 4.45
CA LEU B 292 -0.51 17.89 3.55
C LEU B 292 -1.36 17.60 2.32
N LEU B 293 -0.78 17.75 1.14
CA LEU B 293 -1.51 17.47 -0.11
C LEU B 293 -1.20 16.07 -0.57
N GLU B 294 0.09 15.79 -0.70
CA GLU B 294 0.56 14.48 -1.23
C GLU B 294 2.08 14.28 -1.13
N ALA B 295 2.50 13.03 -1.24
CA ALA B 295 3.91 12.67 -1.33
C ALA B 295 4.22 12.21 -2.74
N ASN B 296 5.36 12.65 -3.26
CA ASN B 296 5.83 12.19 -4.58
C ASN B 296 7.11 11.40 -4.37
N THR B 297 7.11 10.15 -4.82
CA THR B 297 8.20 9.22 -4.55
C THR B 297 9.15 9.05 -5.76
N SER B 298 8.79 9.63 -6.91
CA SER B 298 9.68 9.71 -8.08
C SER B 298 9.55 11.13 -8.67
N PRO B 299 10.06 12.12 -7.94
CA PRO B 299 9.86 13.56 -8.29
C PRO B 299 10.49 14.01 -9.61
N GLY B 300 9.94 15.08 -10.17
CA GLY B 300 10.46 15.72 -11.39
C GLY B 300 11.92 16.09 -11.22
N MET B 301 12.71 15.91 -12.29
CA MET B 301 14.17 16.12 -12.27
C MET B 301 14.71 16.79 -13.55
N THR B 302 13.91 17.68 -14.14
CA THR B 302 14.35 18.55 -15.24
C THR B 302 15.35 19.61 -14.72
N SER B 303 14.88 20.85 -14.63
CA SER B 303 15.56 21.96 -13.95
C SER B 303 14.48 22.99 -13.56
N HIS B 304 13.47 23.14 -14.43
CA HIS B 304 12.14 23.62 -14.00
C HIS B 304 11.77 22.94 -12.67
N SER B 305 12.41 21.81 -12.39
CA SER B 305 12.04 20.90 -11.30
C SER B 305 12.53 21.30 -9.92
N LEU B 306 11.74 20.97 -8.93
CA LEU B 306 11.93 21.53 -7.60
C LEU B 306 12.94 20.80 -6.71
N VAL B 307 13.03 19.48 -6.79
CA VAL B 307 14.07 18.75 -6.02
C VAL B 307 15.51 19.24 -6.28
N PRO B 308 15.94 19.37 -7.56
CA PRO B 308 17.28 19.90 -7.85
C PRO B 308 17.54 21.27 -7.23
N MET B 309 16.53 22.14 -7.28
CA MET B 309 16.57 23.48 -6.67
C MET B 309 16.86 23.44 -5.17
N ALA B 310 16.24 22.51 -4.43
CA ALA B 310 16.47 22.43 -2.98
C ALA B 310 17.85 21.89 -2.64
N ALA B 311 18.34 20.94 -3.44
CA ALA B 311 19.65 20.34 -3.24
C ALA B 311 20.74 21.37 -3.47
N ARG B 312 20.52 22.24 -4.47
CA ARG B 312 21.40 23.34 -4.81
C ARG B 312 21.58 24.29 -3.63
N GLN B 313 20.44 24.67 -3.05
CA GLN B 313 20.39 25.53 -1.88
C GLN B 313 21.14 24.94 -0.69
N ALA B 314 21.11 23.61 -0.55
CA ALA B 314 21.83 22.92 0.52
C ALA B 314 23.32 22.75 0.22
N GLY B 315 23.76 23.24 -0.93
CA GLY B 315 25.17 23.16 -1.35
C GLY B 315 25.54 21.95 -2.19
N MET B 316 24.53 21.30 -2.80
CA MET B 316 24.75 20.16 -3.70
C MET B 316 24.54 20.58 -5.16
N SER B 317 25.44 20.19 -6.05
CA SER B 317 25.17 20.34 -7.50
C SER B 317 24.13 19.29 -7.91
N PHE B 318 23.44 19.52 -9.03
CA PHE B 318 22.50 18.52 -9.58
C PHE B 318 23.17 17.16 -9.70
N SER B 319 24.41 17.17 -10.18
CA SER B 319 25.20 15.94 -10.31
C SER B 319 25.43 15.24 -8.98
N GLN B 320 25.66 16.02 -7.92
CA GLN B 320 25.88 15.47 -6.57
C GLN B 320 24.61 14.85 -5.97
N LEU B 321 23.47 15.41 -6.35
CA LEU B 321 22.19 15.00 -5.85
C LEU B 321 21.88 13.59 -6.34
N VAL B 322 21.90 13.42 -7.66
CA VAL B 322 21.59 12.12 -8.28
C VAL B 322 22.59 11.02 -7.85
N VAL B 323 23.86 11.39 -7.67
CA VAL B 323 24.85 10.46 -7.12
C VAL B 323 24.41 9.97 -5.74
N ARG B 324 23.95 10.88 -4.89
CA ARG B 324 23.52 10.54 -3.53
C ARG B 324 22.26 9.69 -3.51
N ILE B 325 21.33 9.96 -4.44
CA ILE B 325 20.07 9.23 -4.53
C ILE B 325 20.36 7.78 -4.91
N LEU B 326 21.33 7.58 -5.81
CA LEU B 326 21.76 6.24 -6.21
C LEU B 326 22.42 5.54 -5.02
N GLU B 327 23.19 6.30 -4.25
CA GLU B 327 23.97 5.75 -3.14
C GLU B 327 23.12 5.10 -2.02
N LEU B 328 21.91 5.60 -1.79
CA LEU B 328 21.06 5.09 -0.70
C LEU B 328 20.25 3.82 -0.97
N ALA B 329 20.40 3.23 -2.15
CA ALA B 329 19.69 2.01 -2.51
C ALA B 329 20.10 0.74 -1.73
N ASP B 330 19.23 -0.28 -1.80
CA ASP B 330 19.20 -1.49 -0.95
C ASP B 330 20.48 -2.34 -0.84
N GLU C 1 4.42 -29.92 -24.66
CA GLU C 1 4.55 -30.38 -23.23
C GLU C 1 3.56 -31.48 -22.88
N ASN C 2 3.94 -32.35 -21.94
CA ASN C 2 3.05 -33.41 -21.42
C ASN C 2 2.23 -32.80 -20.32
N LEU C 3 0.90 -32.82 -20.51
CA LEU C 3 0.02 -32.09 -19.61
C LEU C 3 -0.87 -33.01 -18.81
N TYR C 4 -1.42 -32.47 -17.71
CA TYR C 4 -2.34 -33.21 -16.85
C TYR C 4 -3.64 -33.45 -17.62
N PHE C 5 -4.10 -32.44 -18.36
CA PHE C 5 -5.21 -32.61 -19.30
C PHE C 5 -4.66 -32.56 -20.73
N GLN C 6 -4.62 -33.72 -21.38
CA GLN C 6 -4.00 -33.84 -22.71
C GLN C 6 -4.95 -33.37 -23.79
N GLY C 7 -4.51 -32.34 -24.52
CA GLY C 7 -5.26 -31.79 -25.64
C GLY C 7 -5.48 -30.32 -25.39
N ALA C 8 -6.75 -29.92 -25.43
CA ALA C 8 -7.17 -28.55 -25.12
C ALA C 8 -6.30 -27.43 -25.75
#